data_4FC3
#
_entry.id   4FC3
#
_cell.length_a   67.041
_cell.length_b   149.581
_cell.length_c   86.265
_cell.angle_alpha   90.000
_cell.angle_beta   90.000
_cell.angle_gamma   90.000
#
_symmetry.space_group_name_H-M   'C 2 2 21'
#
loop_
_entity.id
_entity.type
_entity.pdbx_description
1 polymer 'Hemoglobin subunit alpha'
2 polymer 'Hemoglobin subunit beta'
3 polymer 'Iron-regulated surface determinant protein H'
4 non-polymer 'PROTOPORPHYRIN IX CONTAINING FE'
5 water water
#
loop_
_entity_poly.entity_id
_entity_poly.type
_entity_poly.pdbx_seq_one_letter_code
_entity_poly.pdbx_strand_id
1 'polypeptide(L)'
;VLSPADKTNVKAAWGKVGAHAGEYGAEALERMFLSFPTTKTYFPHFDLSHGSAQVKGHGKKVADALTNAVAHVDDMPNAL
SALSDLHAHKLRVDPVNFKLLSHCLLVTLAAHLPAEFTPAVHASLDKFLASVSTVLTSKYR
;
A
2 'polypeptide(L)'
;VHLTPEEKSAVTALWGKVNVDEVGGEALGRLLVVYPWTQRFFESFGDLSTPDAVMGNPKVKAHGKKVLGAFSDGLAHLDN
LKGTFATLSELHCDKLHVDPENFRLLGNVLVCVLAHHFGKEFTPPVQAAYQKVVAGVANALAHKYH
;
B
3 'polypeptide(L)'
;GSSHHHHHHSSGLVPRGSHMQQYPPADESLQDAIKNPAIIDKEHTADNWRPIDFQMKNDKGERQFYHYASTVEPATVIFT
KTGPIIELGLKTASTWKKFEVYEGDKKLPVELVSYDSDKDYAYIRFPVSNGTREVKIVSSIEYGENIHEDYDYTLMVFAQ
PITN
;
E
#
# COMPACT_ATOMS: atom_id res chain seq x y z
N VAL A 1 5.28 3.86 -10.72
CA VAL A 1 6.66 3.87 -10.12
C VAL A 1 6.61 4.39 -8.69
N LEU A 2 7.00 3.55 -7.73
CA LEU A 2 6.96 3.90 -6.32
C LEU A 2 8.18 4.70 -5.89
N SER A 3 7.96 5.74 -5.09
CA SER A 3 9.03 6.44 -4.41
C SER A 3 9.56 5.58 -3.25
N PRO A 4 10.73 5.93 -2.70
CA PRO A 4 11.16 5.31 -1.45
C PRO A 4 10.12 5.47 -0.35
N ALA A 5 9.50 6.64 -0.28
CA ALA A 5 8.42 6.92 0.66
C ALA A 5 7.22 5.99 0.43
N ASP A 6 6.84 5.79 -0.83
CA ASP A 6 5.75 4.87 -1.19
C ASP A 6 6.03 3.46 -0.72
N LYS A 7 7.23 2.97 -0.98
CA LYS A 7 7.64 1.62 -0.57
C LYS A 7 7.56 1.47 0.95
N THR A 8 8.06 2.48 1.66
CA THR A 8 8.06 2.49 3.12
C THR A 8 6.64 2.50 3.70
N ASN A 9 5.78 3.34 3.12
CA ASN A 9 4.36 3.42 3.51
C ASN A 9 3.68 2.06 3.40
N VAL A 10 3.88 1.40 2.26
CA VAL A 10 3.26 0.10 1.99
C VAL A 10 3.79 -0.98 2.94
N LYS A 11 5.11 -1.06 3.10
CA LYS A 11 5.73 -2.06 3.97
C LYS A 11 5.29 -1.89 5.42
N ALA A 12 5.34 -0.65 5.91
CA ALA A 12 4.94 -0.34 7.29
C ALA A 12 3.47 -0.65 7.54
N ALA A 13 2.62 -0.28 6.59
CA ALA A 13 1.18 -0.52 6.70
C ALA A 13 0.85 -2.02 6.63
N TRP A 14 1.52 -2.74 5.73
CA TRP A 14 1.29 -4.17 5.55
C TRP A 14 1.76 -4.97 6.77
N GLY A 15 2.80 -4.48 7.44
CA GLY A 15 3.27 -5.09 8.68
C GLY A 15 2.23 -5.04 9.79
N LYS A 16 1.39 -4.01 9.75
CA LYS A 16 0.32 -3.86 10.75
C LYS A 16 -0.92 -4.71 10.40
N VAL A 17 -0.97 -5.23 9.18
CA VAL A 17 -2.01 -6.19 8.78
C VAL A 17 -1.69 -7.54 9.42
N GLY A 18 -0.50 -8.06 9.13
CA GLY A 18 0.03 -9.26 9.79
C GLY A 18 -0.75 -10.53 9.57
N ALA A 19 -1.17 -11.16 10.66
CA ALA A 19 -1.85 -12.46 10.61
C ALA A 19 -3.28 -12.37 10.06
N HIS A 20 -3.83 -11.16 9.99
CA HIS A 20 -5.17 -10.95 9.44
C HIS A 20 -5.18 -10.68 7.93
N ALA A 21 -4.05 -10.90 7.27
CA ALA A 21 -3.93 -10.69 5.83
C ALA A 21 -4.87 -11.59 5.04
N GLY A 22 -4.94 -12.87 5.44
CA GLY A 22 -5.85 -13.83 4.82
C GLY A 22 -7.32 -13.48 5.00
N GLU A 23 -7.66 -12.83 6.11
CA GLU A 23 -9.03 -12.40 6.39
C GLU A 23 -9.44 -11.26 5.46
N TYR A 24 -8.53 -10.30 5.26
CA TYR A 24 -8.80 -9.16 4.39
C TYR A 24 -8.85 -9.59 2.92
N GLY A 25 -7.93 -10.48 2.53
CA GLY A 25 -7.93 -11.04 1.18
C GLY A 25 -9.26 -11.70 0.84
N ALA A 26 -9.77 -12.49 1.79
CA ALA A 26 -11.08 -13.14 1.63
C ALA A 26 -12.21 -12.12 1.52
N GLU A 27 -12.19 -11.10 2.38
CA GLU A 27 -13.22 -10.06 2.38
C GLU A 27 -13.19 -9.21 1.12
N ALA A 28 -12.00 -8.89 0.62
CA ALA A 28 -11.85 -8.12 -0.61
C ALA A 28 -12.49 -8.84 -1.81
N LEU A 29 -12.29 -10.16 -1.87
CA LEU A 29 -12.89 -10.98 -2.93
C LEU A 29 -14.40 -11.00 -2.84
N GLU A 30 -14.92 -11.21 -1.63
CA GLU A 30 -16.36 -11.18 -1.36
C GLU A 30 -16.98 -9.88 -1.86
N ARG A 31 -16.33 -8.76 -1.54
CA ARG A 31 -16.77 -7.44 -1.99
C ARG A 31 -16.74 -7.32 -3.51
N MET A 32 -15.67 -7.82 -4.14
CA MET A 32 -15.52 -7.75 -5.59
C MET A 32 -16.65 -8.51 -6.30
N PHE A 33 -16.91 -9.75 -5.87
CA PHE A 33 -17.95 -10.58 -6.49
C PHE A 33 -19.34 -9.96 -6.36
N LEU A 34 -19.62 -9.36 -5.20
CA LEU A 34 -20.92 -8.71 -4.96
C LEU A 34 -21.04 -7.40 -5.73
N SER A 35 -20.03 -6.54 -5.60
CA SER A 35 -20.04 -5.23 -6.24
C SER A 35 -19.94 -5.30 -7.76
N PHE A 36 -19.10 -6.22 -8.26
CA PHE A 36 -18.78 -6.31 -9.68
C PHE A 36 -18.99 -7.74 -10.19
N PRO A 37 -20.26 -8.16 -10.38
CA PRO A 37 -20.59 -9.56 -10.67
C PRO A 37 -19.96 -10.17 -11.93
N THR A 38 -19.49 -9.34 -12.87
CA THR A 38 -18.79 -9.85 -14.06
C THR A 38 -17.46 -10.54 -13.70
N THR A 39 -16.91 -10.21 -12.53
CA THR A 39 -15.69 -10.88 -12.04
C THR A 39 -15.93 -12.35 -11.64
N LYS A 40 -17.19 -12.71 -11.39
CA LYS A 40 -17.55 -14.09 -11.04
C LYS A 40 -17.31 -15.08 -12.19
N THR A 41 -17.33 -14.58 -13.43
CA THR A 41 -17.10 -15.44 -14.60
C THR A 41 -15.70 -16.06 -14.63
N TYR A 42 -14.77 -15.48 -13.89
CA TYR A 42 -13.41 -16.03 -13.76
C TYR A 42 -13.35 -17.18 -12.75
N PHE A 43 -14.37 -17.32 -11.91
CA PHE A 43 -14.42 -18.38 -10.91
C PHE A 43 -15.71 -19.22 -11.02
N PRO A 44 -15.95 -19.83 -12.19
CA PRO A 44 -17.13 -20.69 -12.36
C PRO A 44 -16.97 -22.02 -11.64
N HIS A 45 -15.73 -22.44 -11.43
CA HIS A 45 -15.41 -23.63 -10.66
C HIS A 45 -15.61 -23.45 -9.14
N PHE A 46 -15.68 -22.20 -8.70
CA PHE A 46 -15.94 -21.89 -7.28
C PHE A 46 -17.43 -21.90 -7.00
N ASP A 47 -17.78 -22.27 -5.77
CA ASP A 47 -19.09 -21.97 -5.22
C ASP A 47 -18.98 -20.53 -4.70
N LEU A 48 -19.68 -19.61 -5.35
CA LEU A 48 -19.53 -18.18 -5.05
C LEU A 48 -20.56 -17.65 -4.05
N SER A 49 -21.13 -18.56 -3.26
CA SER A 49 -21.98 -18.17 -2.14
C SER A 49 -21.14 -17.47 -1.08
N HIS A 50 -21.79 -16.71 -0.21
CA HIS A 50 -21.09 -15.98 0.84
C HIS A 50 -20.62 -16.95 1.92
N GLY A 51 -19.42 -16.71 2.43
CA GLY A 51 -18.78 -17.63 3.36
C GLY A 51 -18.32 -18.92 2.69
N SER A 52 -17.98 -18.83 1.40
CA SER A 52 -17.51 -19.98 0.64
C SER A 52 -16.13 -20.40 1.14
N ALA A 53 -15.95 -21.69 1.37
CA ALA A 53 -14.67 -22.25 1.81
C ALA A 53 -13.57 -22.01 0.78
N GLN A 54 -13.94 -22.04 -0.50
CA GLN A 54 -12.99 -21.79 -1.59
C GLN A 54 -12.58 -20.32 -1.64
N VAL A 55 -13.54 -19.42 -1.43
CA VAL A 55 -13.27 -17.98 -1.45
C VAL A 55 -12.39 -17.56 -0.26
N LYS A 56 -12.68 -18.12 0.91
CA LYS A 56 -11.86 -17.90 2.10
C LYS A 56 -10.45 -18.43 1.88
N GLY A 57 -10.36 -19.64 1.32
CA GLY A 57 -9.08 -20.26 1.01
C GLY A 57 -8.30 -19.50 -0.05
N HIS A 58 -8.99 -19.05 -1.08
CA HIS A 58 -8.38 -18.27 -2.16
C HIS A 58 -7.87 -16.92 -1.67
N GLY A 59 -8.65 -16.29 -0.79
CA GLY A 59 -8.26 -15.02 -0.18
C GLY A 59 -6.92 -15.09 0.54
N LYS A 60 -6.65 -16.23 1.18
CA LYS A 60 -5.37 -16.44 1.87
C LYS A 60 -4.21 -16.56 0.88
N LYS A 61 -4.44 -17.24 -0.25
CA LYS A 61 -3.43 -17.34 -1.31
C LYS A 61 -3.16 -15.98 -1.95
N VAL A 62 -4.22 -15.20 -2.14
CA VAL A 62 -4.09 -13.86 -2.70
C VAL A 62 -3.35 -12.93 -1.74
N ALA A 63 -3.65 -13.05 -0.45
CA ALA A 63 -2.98 -12.27 0.59
C ALA A 63 -1.49 -12.64 0.68
N ASP A 64 -1.20 -13.94 0.67
CA ASP A 64 0.19 -14.42 0.71
C ASP A 64 1.00 -13.96 -0.50
N ALA A 65 0.34 -13.86 -1.65
CA ALA A 65 1.00 -13.36 -2.87
C ALA A 65 1.25 -11.85 -2.79
N LEU A 66 0.30 -11.12 -2.20
CA LEU A 66 0.48 -9.67 -2.00
C LEU A 66 1.59 -9.40 -1.00
N THR A 67 1.62 -10.19 0.07
CA THR A 67 2.71 -10.16 1.05
C THR A 67 4.07 -10.40 0.39
N ASN A 68 4.15 -11.42 -0.47
CA ASN A 68 5.37 -11.70 -1.22
C ASN A 68 5.75 -10.51 -2.11
N ALA A 69 4.75 -9.92 -2.78
CA ALA A 69 4.96 -8.77 -3.65
C ALA A 69 5.47 -7.53 -2.90
N VAL A 70 4.91 -7.29 -1.71
CA VAL A 70 5.36 -6.18 -0.86
C VAL A 70 6.79 -6.39 -0.38
N ALA A 71 7.13 -7.64 -0.03
CA ALA A 71 8.49 -7.97 0.41
C ALA A 71 9.53 -7.86 -0.71
N HIS A 72 9.10 -7.90 -1.96
CA HIS A 72 9.99 -7.79 -3.12
C HIS A 72 9.50 -6.71 -4.08
N VAL A 73 9.07 -5.59 -3.50
CA VAL A 73 8.48 -4.49 -4.28
C VAL A 73 9.47 -3.85 -5.25
N ASP A 74 10.76 -3.92 -4.91
CA ASP A 74 11.82 -3.35 -5.74
C ASP A 74 12.01 -4.12 -7.05
N ASP A 75 11.64 -5.40 -7.07
CA ASP A 75 11.76 -6.24 -8.26
C ASP A 75 10.64 -7.30 -8.31
N MET A 76 9.41 -6.82 -8.54
CA MET A 76 8.23 -7.69 -8.55
C MET A 76 8.14 -8.63 -9.75
N PRO A 77 8.63 -8.21 -10.94
CA PRO A 77 8.58 -9.12 -12.09
C PRO A 77 9.21 -10.49 -11.83
N ASN A 78 10.42 -10.50 -11.25
CA ASN A 78 11.10 -11.75 -10.90
C ASN A 78 10.39 -12.51 -9.78
N ALA A 79 9.88 -11.78 -8.79
CA ALA A 79 9.21 -12.40 -7.64
C ALA A 79 7.85 -13.00 -7.98
N LEU A 80 7.11 -12.35 -8.87
CA LEU A 80 5.75 -12.77 -9.24
C LEU A 80 5.69 -13.44 -10.61
N SER A 81 6.77 -14.09 -11.01
CA SER A 81 6.90 -14.67 -12.35
C SER A 81 5.84 -15.73 -12.64
N ALA A 82 5.68 -16.68 -11.74
CA ALA A 82 4.68 -17.74 -11.90
C ALA A 82 3.26 -17.19 -11.87
N LEU A 83 3.06 -16.13 -11.10
CA LEU A 83 1.74 -15.50 -10.97
C LEU A 83 1.37 -14.73 -12.23
N SER A 84 2.36 -14.13 -12.87
CA SER A 84 2.17 -13.49 -14.18
C SER A 84 1.83 -14.54 -15.24
N ASP A 85 2.50 -15.69 -15.18
CA ASP A 85 2.21 -16.82 -16.07
C ASP A 85 0.73 -17.22 -15.95
N LEU A 86 0.26 -17.38 -14.72
CA LEU A 86 -1.13 -17.76 -14.47
C LEU A 86 -2.12 -16.73 -14.98
N HIS A 87 -1.95 -15.47 -14.58
CA HIS A 87 -2.93 -14.43 -14.88
C HIS A 87 -2.84 -13.87 -16.31
N ALA A 88 -1.63 -13.71 -16.83
CA ALA A 88 -1.42 -13.09 -18.14
C ALA A 88 -1.40 -14.12 -19.28
N HIS A 89 -0.70 -15.23 -19.09
CA HIS A 89 -0.55 -16.23 -20.16
C HIS A 89 -1.73 -17.22 -20.21
N LYS A 90 -2.10 -17.76 -19.05
CA LYS A 90 -3.13 -18.81 -18.96
C LYS A 90 -4.54 -18.24 -18.83
N LEU A 91 -4.80 -17.48 -17.77
CA LEU A 91 -6.12 -16.93 -17.51
C LEU A 91 -6.53 -15.83 -18.48
N ARG A 92 -5.54 -15.06 -18.96
CA ARG A 92 -5.78 -13.88 -19.80
C ARG A 92 -6.80 -12.94 -19.15
N VAL A 93 -6.54 -12.59 -17.90
CA VAL A 93 -7.45 -11.73 -17.14
C VAL A 93 -7.41 -10.31 -17.68
N ASP A 94 -8.59 -9.73 -17.89
CA ASP A 94 -8.72 -8.35 -18.35
C ASP A 94 -8.24 -7.41 -17.23
N PRO A 95 -7.31 -6.49 -17.55
CA PRO A 95 -6.78 -5.53 -16.58
C PRO A 95 -7.82 -4.73 -15.78
N VAL A 96 -9.00 -4.52 -16.38
CA VAL A 96 -10.09 -3.82 -15.69
C VAL A 96 -10.48 -4.52 -14.38
N ASN A 97 -10.33 -5.85 -14.34
CA ASN A 97 -10.68 -6.62 -13.15
C ASN A 97 -9.70 -6.44 -12.00
N PHE A 98 -8.46 -6.12 -12.32
CA PHE A 98 -7.44 -5.84 -11.30
C PHE A 98 -7.68 -4.52 -10.60
N LYS A 99 -8.14 -3.51 -11.33
CA LYS A 99 -8.56 -2.24 -10.75
C LYS A 99 -9.70 -2.44 -9.74
N LEU A 100 -10.60 -3.37 -10.03
CA LEU A 100 -11.75 -3.66 -9.19
C LEU A 100 -11.37 -4.37 -7.90
N LEU A 101 -10.48 -5.37 -7.99
CA LEU A 101 -9.98 -6.05 -6.79
C LEU A 101 -9.11 -5.13 -5.94
N SER A 102 -8.32 -4.28 -6.60
CA SER A 102 -7.47 -3.31 -5.91
C SER A 102 -8.32 -2.35 -5.09
N HIS A 103 -9.35 -1.79 -5.72
CA HIS A 103 -10.29 -0.90 -5.03
C HIS A 103 -10.96 -1.59 -3.84
N CYS A 104 -11.37 -2.85 -4.04
CA CYS A 104 -11.99 -3.65 -2.96
C CYS A 104 -11.02 -3.94 -1.81
N LEU A 105 -9.74 -4.14 -2.13
CA LEU A 105 -8.72 -4.31 -1.12
C LEU A 105 -8.55 -3.02 -0.29
N LEU A 106 -8.52 -1.88 -0.97
CA LEU A 106 -8.43 -0.58 -0.30
C LEU A 106 -9.64 -0.34 0.60
N VAL A 107 -10.83 -0.70 0.13
CA VAL A 107 -12.05 -0.58 0.91
C VAL A 107 -11.96 -1.40 2.19
N THR A 108 -11.48 -2.64 2.07
CA THR A 108 -11.32 -3.54 3.21
C THR A 108 -10.31 -3.00 4.22
N LEU A 109 -9.16 -2.55 3.74
CA LEU A 109 -8.11 -1.99 4.61
C LEU A 109 -8.57 -0.74 5.34
N ALA A 110 -9.31 0.12 4.65
CA ALA A 110 -9.86 1.33 5.26
C ALA A 110 -10.84 0.99 6.40
N ALA A 111 -11.66 -0.03 6.18
CA ALA A 111 -12.67 -0.45 7.17
C ALA A 111 -12.06 -1.11 8.41
N HIS A 112 -10.97 -1.85 8.23
CA HIS A 112 -10.37 -2.63 9.32
C HIS A 112 -9.19 -1.94 10.01
N LEU A 113 -8.49 -1.07 9.27
CA LEU A 113 -7.32 -0.37 9.81
C LEU A 113 -7.40 1.13 9.54
N PRO A 114 -8.39 1.81 10.15
CA PRO A 114 -8.62 3.24 9.90
C PRO A 114 -7.50 4.16 10.35
N ALA A 115 -6.82 3.80 11.44
CA ALA A 115 -5.69 4.60 11.95
C ALA A 115 -4.52 4.58 10.98
N GLU A 116 -4.33 3.45 10.30
CA GLU A 116 -3.23 3.27 9.35
C GLU A 116 -3.58 3.80 7.95
N PHE A 117 -4.86 3.85 7.63
CA PHE A 117 -5.31 4.25 6.29
C PHE A 117 -5.36 5.78 6.11
N THR A 118 -4.19 6.41 6.24
CA THR A 118 -4.07 7.85 6.06
C THR A 118 -4.09 8.17 4.56
N PRO A 119 -4.23 9.46 4.20
CA PRO A 119 -4.18 9.83 2.79
C PRO A 119 -2.88 9.42 2.09
N ALA A 120 -1.74 9.65 2.74
CA ALA A 120 -0.44 9.28 2.18
C ALA A 120 -0.30 7.77 1.98
N VAL A 121 -0.71 6.99 2.98
CA VAL A 121 -0.68 5.53 2.87
C VAL A 121 -1.63 5.03 1.78
N HIS A 122 -2.83 5.59 1.74
CA HIS A 122 -3.81 5.31 0.68
C HIS A 122 -3.15 5.47 -0.69
N ALA A 123 -2.52 6.62 -0.91
CA ALA A 123 -1.87 6.94 -2.17
C ALA A 123 -0.85 5.87 -2.58
N SER A 124 -0.01 5.47 -1.63
CA SER A 124 1.08 4.51 -1.88
C SER A 124 0.55 3.10 -2.15
N LEU A 125 -0.51 2.71 -1.44
CA LEU A 125 -1.12 1.39 -1.63
C LEU A 125 -1.80 1.28 -2.99
N ASP A 126 -2.51 2.33 -3.40
CA ASP A 126 -3.15 2.38 -4.71
C ASP A 126 -2.11 2.28 -5.83
N LYS A 127 -0.99 2.97 -5.63
CA LYS A 127 0.13 2.96 -6.57
C LYS A 127 0.79 1.57 -6.62
N PHE A 128 0.99 0.96 -5.44
CA PHE A 128 1.56 -0.39 -5.34
C PHE A 128 0.68 -1.42 -6.04
N LEU A 129 -0.62 -1.42 -5.72
CA LEU A 129 -1.55 -2.37 -6.31
C LEU A 129 -1.63 -2.23 -7.82
N ALA A 130 -1.50 -1.00 -8.32
CA ALA A 130 -1.47 -0.74 -9.77
C ALA A 130 -0.23 -1.35 -10.43
N SER A 131 0.90 -1.33 -9.73
CA SER A 131 2.13 -1.94 -10.22
C SER A 131 2.05 -3.47 -10.20
N VAL A 132 1.47 -4.03 -9.14
CA VAL A 132 1.25 -5.48 -9.06
C VAL A 132 0.35 -5.93 -10.21
N SER A 133 -0.68 -5.14 -10.48
CA SER A 133 -1.65 -5.45 -11.53
C SER A 133 -1.00 -5.47 -12.91
N THR A 134 -0.12 -4.50 -13.16
CA THR A 134 0.62 -4.43 -14.42
C THR A 134 1.53 -5.64 -14.62
N VAL A 135 2.17 -6.07 -13.54
CA VAL A 135 3.07 -7.22 -13.57
C VAL A 135 2.27 -8.50 -13.86
N LEU A 136 1.19 -8.72 -13.12
CA LEU A 136 0.35 -9.91 -13.31
C LEU A 136 -0.36 -9.95 -14.66
N THR A 137 -0.56 -8.78 -15.27
CA THR A 137 -1.27 -8.69 -16.55
C THR A 137 -0.35 -8.49 -17.76
N SER A 138 0.95 -8.66 -17.59
CA SER A 138 1.92 -8.49 -18.68
C SER A 138 2.66 -9.79 -18.97
N LYS A 139 2.81 -10.10 -20.27
CA LYS A 139 3.58 -11.26 -20.73
C LYS A 139 5.05 -10.86 -20.86
N TYR A 140 5.86 -11.23 -19.87
CA TYR A 140 7.29 -10.90 -19.89
C TYR A 140 8.16 -12.13 -19.69
N VAL B 1 -29.90 4.28 -12.34
CA VAL B 1 -29.44 3.26 -11.37
C VAL B 1 -30.58 2.31 -10.99
N HIS B 2 -30.39 1.03 -11.23
CA HIS B 2 -31.38 0.01 -10.89
C HIS B 2 -31.08 -0.59 -9.52
N LEU B 3 -31.68 -0.01 -8.49
CA LEU B 3 -31.53 -0.48 -7.11
C LEU B 3 -32.84 -1.08 -6.60
N THR B 4 -32.73 -2.22 -5.91
CA THR B 4 -33.89 -2.83 -5.26
C THR B 4 -34.27 -2.00 -4.03
N PRO B 5 -35.58 -1.95 -3.68
CA PRO B 5 -36.02 -1.21 -2.50
C PRO B 5 -35.23 -1.47 -1.20
N GLU B 6 -34.72 -2.70 -1.05
CA GLU B 6 -33.87 -3.04 0.10
C GLU B 6 -32.52 -2.31 0.02
N GLU B 7 -31.99 -2.18 -1.19
CA GLU B 7 -30.72 -1.48 -1.41
C GLU B 7 -30.87 0.03 -1.19
N LYS B 8 -32.00 0.58 -1.63
CA LYS B 8 -32.32 2.00 -1.40
C LYS B 8 -32.43 2.31 0.09
N SER B 9 -33.07 1.41 0.83
CA SER B 9 -33.23 1.56 2.28
C SER B 9 -31.88 1.50 3.01
N ALA B 10 -31.03 0.57 2.61
CA ALA B 10 -29.71 0.41 3.21
C ALA B 10 -28.80 1.60 2.88
N VAL B 11 -28.85 2.07 1.65
CA VAL B 11 -28.07 3.23 1.21
C VAL B 11 -28.51 4.51 1.93
N THR B 12 -29.82 4.74 1.97
CA THR B 12 -30.39 5.91 2.63
C THR B 12 -30.12 5.92 4.13
N ALA B 13 -30.17 4.75 4.76
CA ALA B 13 -29.95 4.62 6.21
C ALA B 13 -28.54 5.03 6.61
N LEU B 14 -27.53 4.53 5.89
CA LEU B 14 -26.14 4.90 6.16
C LEU B 14 -25.83 6.35 5.78
N TRP B 15 -26.44 6.84 4.72
CA TRP B 15 -26.22 8.23 4.28
C TRP B 15 -26.71 9.25 5.32
N GLY B 16 -27.72 8.87 6.10
CA GLY B 16 -28.20 9.70 7.21
C GLY B 16 -27.22 9.80 8.37
N LYS B 17 -26.32 8.82 8.47
CA LYS B 17 -25.27 8.83 9.50
C LYS B 17 -23.99 9.52 9.03
N VAL B 18 -23.91 9.86 7.75
CA VAL B 18 -22.71 10.48 7.19
C VAL B 18 -22.49 11.89 7.72
N ASN B 19 -21.29 12.13 8.23
CA ASN B 19 -20.85 13.47 8.61
C ASN B 19 -20.56 14.28 7.35
N VAL B 20 -21.59 14.99 6.87
CA VAL B 20 -21.54 15.69 5.58
C VAL B 20 -20.49 16.80 5.54
N ASP B 21 -20.23 17.42 6.69
CA ASP B 21 -19.21 18.47 6.79
C ASP B 21 -17.78 17.95 6.61
N GLU B 22 -17.56 16.68 6.89
CA GLU B 22 -16.21 16.09 6.92
C GLU B 22 -15.92 15.16 5.75
N VAL B 23 -16.85 14.24 5.47
CA VAL B 23 -16.64 13.18 4.48
C VAL B 23 -16.29 13.71 3.08
N GLY B 24 -16.86 14.85 2.71
CA GLY B 24 -16.63 15.45 1.40
C GLY B 24 -15.23 16.01 1.24
N GLY B 25 -14.71 16.63 2.29
CA GLY B 25 -13.35 17.15 2.30
C GLY B 25 -12.32 16.03 2.26
N GLU B 26 -12.62 14.93 2.96
CA GLU B 26 -11.74 13.76 2.96
C GLU B 26 -11.71 13.06 1.61
N ALA B 27 -12.86 12.97 0.94
CA ALA B 27 -12.94 12.32 -0.37
C ALA B 27 -12.18 13.12 -1.43
N LEU B 28 -12.46 14.42 -1.50
CA LEU B 28 -11.81 15.31 -2.45
C LEU B 28 -10.32 15.43 -2.14
N GLY B 29 -10.00 15.62 -0.86
CA GLY B 29 -8.62 15.67 -0.42
C GLY B 29 -7.83 14.44 -0.85
N ARG B 30 -8.40 13.26 -0.64
CA ARG B 30 -7.75 12.00 -1.01
C ARG B 30 -7.66 11.82 -2.53
N LEU B 31 -8.64 12.32 -3.27
CA LEU B 31 -8.58 12.31 -4.74
C LEU B 31 -7.31 13.03 -5.21
N LEU B 32 -7.09 14.21 -4.65
CA LEU B 32 -5.94 15.05 -5.03
C LEU B 32 -4.59 14.45 -4.63
N VAL B 33 -4.54 13.69 -3.54
CA VAL B 33 -3.29 13.09 -3.08
C VAL B 33 -3.02 11.74 -3.76
N VAL B 34 -4.06 10.92 -3.88
CA VAL B 34 -3.93 9.59 -4.47
C VAL B 34 -3.76 9.66 -5.99
N TYR B 35 -4.44 10.61 -6.62
CA TYR B 35 -4.38 10.82 -8.07
C TYR B 35 -3.92 12.26 -8.33
N PRO B 36 -2.61 12.52 -8.18
CA PRO B 36 -2.06 13.87 -8.06
C PRO B 36 -2.31 14.80 -9.25
N TRP B 37 -2.52 14.23 -10.44
CA TRP B 37 -2.83 15.04 -11.63
C TRP B 37 -4.14 15.83 -11.49
N THR B 38 -5.03 15.37 -10.61
CA THR B 38 -6.29 16.07 -10.36
C THR B 38 -6.08 17.44 -9.69
N GLN B 39 -4.92 17.64 -9.07
CA GLN B 39 -4.57 18.94 -8.48
C GLN B 39 -4.54 20.07 -9.51
N ARG B 40 -4.23 19.72 -10.77
CA ARG B 40 -4.19 20.71 -11.86
C ARG B 40 -5.53 21.45 -11.99
N PHE B 41 -6.63 20.73 -11.89
CA PHE B 41 -7.96 21.34 -12.00
C PHE B 41 -8.30 22.26 -10.83
N PHE B 42 -7.69 22.01 -9.67
CA PHE B 42 -7.94 22.80 -8.47
C PHE B 42 -6.74 23.66 -8.08
N GLU B 43 -6.06 24.24 -9.07
CA GLU B 43 -4.90 25.09 -8.81
C GLU B 43 -5.28 26.46 -8.25
N SER B 44 -6.54 26.85 -8.42
CA SER B 44 -7.07 28.08 -7.83
C SER B 44 -7.21 27.97 -6.30
N PHE B 45 -7.24 26.74 -5.79
CA PHE B 45 -7.43 26.48 -4.36
C PHE B 45 -6.19 26.80 -3.52
N GLY B 46 -5.03 26.91 -4.18
CA GLY B 46 -3.81 27.34 -3.53
C GLY B 46 -2.82 26.23 -3.26
N ASP B 47 -2.38 26.12 -2.02
CA ASP B 47 -1.31 25.19 -1.62
C ASP B 47 -1.79 23.74 -1.64
N LEU B 48 -1.26 22.96 -2.59
CA LEU B 48 -1.55 21.53 -2.70
C LEU B 48 -0.25 20.72 -2.81
N SER B 49 0.82 21.24 -2.20
CA SER B 49 2.15 20.67 -2.35
C SER B 49 2.39 19.41 -1.51
N THR B 50 1.67 19.29 -0.40
CA THR B 50 1.80 18.13 0.50
C THR B 50 0.43 17.59 0.92
N PRO B 51 0.39 16.31 1.37
CA PRO B 51 -0.85 15.73 1.91
C PRO B 51 -1.46 16.55 3.05
N ASP B 52 -0.66 16.93 4.04
CA ASP B 52 -1.14 17.75 5.16
C ASP B 52 -1.72 19.08 4.70
N ALA B 53 -1.12 19.67 3.66
CA ALA B 53 -1.60 20.93 3.10
C ALA B 53 -2.97 20.76 2.42
N VAL B 54 -3.14 19.67 1.68
CA VAL B 54 -4.39 19.40 0.96
C VAL B 54 -5.55 19.14 1.91
N MET B 55 -5.35 18.22 2.85
CA MET B 55 -6.40 17.84 3.79
C MET B 55 -6.79 19.01 4.71
N GLY B 56 -5.82 19.87 5.01
CA GLY B 56 -6.06 21.05 5.85
C GLY B 56 -6.52 22.30 5.09
N ASN B 57 -6.63 22.21 3.77
CA ASN B 57 -7.01 23.34 2.93
C ASN B 57 -8.52 23.61 3.05
N PRO B 58 -8.90 24.81 3.55
CA PRO B 58 -10.32 25.11 3.76
C PRO B 58 -11.15 25.18 2.48
N LYS B 59 -10.50 25.46 1.35
CA LYS B 59 -11.18 25.48 0.05
C LYS B 59 -11.41 24.06 -0.49
N VAL B 60 -10.53 23.13 -0.15
CA VAL B 60 -10.75 21.71 -0.43
C VAL B 60 -11.92 21.18 0.40
N LYS B 61 -11.94 21.55 1.68
CA LYS B 61 -13.04 21.17 2.58
C LYS B 61 -14.37 21.78 2.14
N ALA B 62 -14.35 23.07 1.80
CA ALA B 62 -15.55 23.78 1.34
C ALA B 62 -16.11 23.17 0.06
N HIS B 63 -15.23 22.88 -0.89
CA HIS B 63 -15.67 22.28 -2.16
C HIS B 63 -16.11 20.83 -2.00
N GLY B 64 -15.46 20.10 -1.10
CA GLY B 64 -15.83 18.72 -0.80
C GLY B 64 -17.28 18.60 -0.33
N LYS B 65 -17.75 19.61 0.41
CA LYS B 65 -19.14 19.65 0.86
C LYS B 65 -20.09 19.84 -0.32
N LYS B 66 -19.67 20.62 -1.32
CA LYS B 66 -20.45 20.79 -2.54
C LYS B 66 -20.61 19.48 -3.29
N VAL B 67 -19.52 18.70 -3.35
CA VAL B 67 -19.52 17.41 -4.03
C VAL B 67 -20.43 16.40 -3.33
N LEU B 68 -20.32 16.31 -2.00
CA LEU B 68 -21.21 15.43 -1.22
C LEU B 68 -22.68 15.79 -1.43
N GLY B 69 -23.00 17.07 -1.32
CA GLY B 69 -24.34 17.56 -1.58
C GLY B 69 -24.84 17.22 -2.97
N ALA B 70 -23.91 17.22 -3.93
CA ALA B 70 -24.22 16.77 -5.30
C ALA B 70 -24.58 15.29 -5.31
N PHE B 71 -23.85 14.48 -4.56
CA PHE B 71 -24.19 13.06 -4.39
C PHE B 71 -25.51 12.87 -3.63
N SER B 72 -25.78 13.74 -2.66
CA SER B 72 -27.04 13.68 -1.91
C SER B 72 -28.23 13.97 -2.82
N ASP B 73 -28.05 14.90 -3.76
CA ASP B 73 -29.06 15.17 -4.78
C ASP B 73 -29.23 13.97 -5.71
N GLY B 74 -28.14 13.24 -5.94
CA GLY B 74 -28.16 12.02 -6.76
C GLY B 74 -28.89 10.85 -6.13
N LEU B 75 -28.91 10.77 -4.80
CA LEU B 75 -29.66 9.73 -4.09
C LEU B 75 -31.16 9.92 -4.28
N ALA B 76 -31.58 11.18 -4.41
CA ALA B 76 -32.88 11.50 -5.00
C ALA B 76 -32.66 11.54 -6.51
N HIS B 77 -33.74 11.38 -7.28
CA HIS B 77 -33.62 11.33 -8.74
C HIS B 77 -32.71 10.19 -9.22
N LEU B 78 -32.85 9.02 -8.62
CA LEU B 78 -32.07 7.85 -9.00
C LEU B 78 -32.47 7.26 -10.35
N ASP B 79 -33.71 7.51 -10.76
CA ASP B 79 -34.19 7.10 -12.09
C ASP B 79 -33.97 8.18 -13.16
N ASN B 80 -33.37 9.30 -12.77
CA ASN B 80 -33.06 10.39 -13.69
C ASN B 80 -31.74 11.08 -13.35
N LEU B 81 -30.65 10.31 -13.37
CA LEU B 81 -29.31 10.86 -13.10
C LEU B 81 -28.82 11.75 -14.24
N LYS B 82 -29.09 11.35 -15.47
CA LYS B 82 -28.62 12.09 -16.65
C LYS B 82 -29.13 13.53 -16.68
N GLY B 83 -30.42 13.70 -16.39
CA GLY B 83 -31.04 15.02 -16.39
C GLY B 83 -30.61 15.91 -15.25
N THR B 84 -30.46 15.34 -14.05
CA THR B 84 -30.09 16.10 -12.86
C THR B 84 -28.63 16.57 -12.90
N PHE B 85 -27.74 15.72 -13.40
CA PHE B 85 -26.31 16.05 -13.53
C PHE B 85 -25.97 16.66 -14.89
N ALA B 86 -26.97 16.97 -15.71
CA ALA B 86 -26.72 17.53 -17.05
C ALA B 86 -25.96 18.84 -16.99
N THR B 87 -26.38 19.73 -16.09
CA THR B 87 -25.74 21.04 -15.94
C THR B 87 -24.30 20.92 -15.45
N LEU B 88 -24.04 19.97 -14.56
CA LEU B 88 -22.69 19.71 -14.06
C LEU B 88 -21.83 19.01 -15.13
N SER B 89 -22.44 18.10 -15.89
CA SER B 89 -21.74 17.42 -16.98
C SER B 89 -21.16 18.42 -17.98
N GLU B 90 -21.99 19.38 -18.39
CA GLU B 90 -21.57 20.43 -19.33
C GLU B 90 -20.45 21.31 -18.77
N LEU B 91 -20.49 21.58 -17.46
CA LEU B 91 -19.44 22.35 -16.80
C LEU B 91 -18.10 21.62 -16.85
N HIS B 92 -18.10 20.37 -16.40
CA HIS B 92 -16.88 19.56 -16.34
C HIS B 92 -16.30 19.22 -17.72
N CYS B 93 -17.15 19.19 -18.74
CA CYS B 93 -16.71 18.88 -20.11
C CYS B 93 -16.27 20.11 -20.88
N ASP B 94 -17.15 21.12 -20.97
CA ASP B 94 -16.92 22.28 -21.83
C ASP B 94 -15.95 23.30 -21.21
N LYS B 95 -16.12 23.58 -19.92
CA LYS B 95 -15.34 24.62 -19.24
C LYS B 95 -14.07 24.08 -18.59
N LEU B 96 -14.20 22.97 -17.87
CA LEU B 96 -13.08 22.41 -17.10
C LEU B 96 -12.26 21.38 -17.88
N HIS B 97 -12.89 20.71 -18.85
CA HIS B 97 -12.24 19.68 -19.68
C HIS B 97 -11.71 18.51 -18.86
N VAL B 98 -12.52 18.03 -17.91
CA VAL B 98 -12.17 16.88 -17.08
C VAL B 98 -12.49 15.58 -17.82
N ASP B 99 -11.55 14.64 -17.79
CA ASP B 99 -11.72 13.35 -18.47
C ASP B 99 -12.69 12.48 -17.66
N PRO B 100 -13.62 11.75 -18.34
CA PRO B 100 -14.62 10.92 -17.66
C PRO B 100 -14.08 9.93 -16.63
N GLU B 101 -12.92 9.34 -16.93
CA GLU B 101 -12.28 8.36 -16.05
C GLU B 101 -12.08 8.87 -14.62
N ASN B 102 -11.84 10.18 -14.50
CA ASN B 102 -11.65 10.80 -13.19
C ASN B 102 -12.91 10.79 -12.33
N PHE B 103 -14.08 10.79 -12.95
CA PHE B 103 -15.35 10.71 -12.21
C PHE B 103 -15.48 9.38 -11.49
N ARG B 104 -15.05 8.30 -12.14
CA ARG B 104 -15.04 6.97 -11.53
C ARG B 104 -14.05 6.90 -10.36
N LEU B 105 -12.91 7.58 -10.51
CA LEU B 105 -11.88 7.63 -9.47
C LEU B 105 -12.41 8.29 -8.20
N LEU B 106 -13.02 9.46 -8.34
CA LEU B 106 -13.60 10.18 -7.19
C LEU B 106 -14.72 9.36 -6.54
N GLY B 107 -15.54 8.72 -7.36
CA GLY B 107 -16.60 7.84 -6.87
C GLY B 107 -16.05 6.71 -6.00
N ASN B 108 -14.96 6.10 -6.45
CA ASN B 108 -14.31 5.02 -5.70
C ASN B 108 -13.62 5.51 -4.44
N VAL B 109 -13.10 6.75 -4.48
CA VAL B 109 -12.49 7.37 -3.32
C VAL B 109 -13.54 7.66 -2.24
N LEU B 110 -14.69 8.16 -2.65
CA LEU B 110 -15.81 8.37 -1.72
C LEU B 110 -16.17 7.07 -1.01
N VAL B 111 -16.20 5.96 -1.75
CA VAL B 111 -16.51 4.66 -1.17
C VAL B 111 -15.47 4.22 -0.14
N CYS B 112 -14.19 4.49 -0.42
CA CYS B 112 -13.12 4.20 0.55
C CYS B 112 -13.25 5.06 1.81
N VAL B 113 -13.68 6.31 1.66
CA VAL B 113 -13.90 7.19 2.80
C VAL B 113 -15.11 6.73 3.63
N LEU B 114 -16.14 6.22 2.96
CA LEU B 114 -17.31 5.66 3.64
C LEU B 114 -16.92 4.42 4.46
N ALA B 115 -16.08 3.56 3.89
CA ALA B 115 -15.57 2.39 4.61
C ALA B 115 -14.68 2.83 5.78
N HIS B 116 -13.88 3.87 5.55
CA HIS B 116 -13.01 4.43 6.59
C HIS B 116 -13.80 4.99 7.77
N HIS B 117 -14.96 5.58 7.48
CA HIS B 117 -15.83 6.17 8.50
C HIS B 117 -16.65 5.14 9.26
N PHE B 118 -17.26 4.21 8.52
CA PHE B 118 -18.23 3.28 9.09
C PHE B 118 -17.67 1.91 9.47
N GLY B 119 -16.50 1.57 8.93
CA GLY B 119 -15.82 0.33 9.32
C GLY B 119 -16.61 -0.91 8.97
N LYS B 120 -16.79 -1.79 9.95
CA LYS B 120 -17.52 -3.05 9.77
C LYS B 120 -18.99 -2.83 9.35
N GLU B 121 -19.55 -1.68 9.71
CA GLU B 121 -20.91 -1.31 9.30
C GLU B 121 -21.00 -1.15 7.77
N PHE B 122 -19.90 -0.78 7.13
CA PHE B 122 -19.86 -0.69 5.67
C PHE B 122 -19.65 -2.08 5.07
N THR B 123 -20.71 -2.90 5.13
CA THR B 123 -20.66 -4.31 4.76
C THR B 123 -20.60 -4.48 3.22
N PRO B 124 -20.20 -5.68 2.75
CA PRO B 124 -20.12 -5.91 1.31
C PRO B 124 -21.43 -5.67 0.54
N PRO B 125 -22.58 -6.12 1.08
CA PRO B 125 -23.86 -5.81 0.42
C PRO B 125 -24.15 -4.31 0.34
N VAL B 126 -23.74 -3.56 1.37
CA VAL B 126 -23.91 -2.11 1.37
C VAL B 126 -22.99 -1.44 0.36
N GLN B 127 -21.72 -1.83 0.34
CA GLN B 127 -20.77 -1.33 -0.63
C GLN B 127 -21.25 -1.55 -2.05
N ALA B 128 -21.73 -2.77 -2.32
CA ALA B 128 -22.29 -3.14 -3.63
C ALA B 128 -23.40 -2.18 -4.05
N ALA B 129 -24.20 -1.74 -3.09
CA ALA B 129 -25.27 -0.78 -3.34
C ALA B 129 -24.70 0.59 -3.69
N TYR B 130 -23.68 1.02 -2.96
CA TYR B 130 -23.01 2.30 -3.23
C TYR B 130 -22.20 2.31 -4.53
N GLN B 131 -21.67 1.15 -4.93
CA GLN B 131 -20.95 1.06 -6.21
C GLN B 131 -21.86 1.36 -7.40
N LYS B 132 -23.10 0.90 -7.33
CA LYS B 132 -24.12 1.19 -8.35
C LYS B 132 -24.44 2.68 -8.40
N VAL B 133 -24.50 3.31 -7.23
CA VAL B 133 -24.80 4.74 -7.13
C VAL B 133 -23.68 5.60 -7.69
N VAL B 134 -22.44 5.28 -7.33
CA VAL B 134 -21.29 6.05 -7.79
C VAL B 134 -21.02 5.84 -9.28
N ALA B 135 -21.27 4.62 -9.76
CA ALA B 135 -21.17 4.31 -11.19
C ALA B 135 -22.24 5.07 -11.98
N GLY B 136 -23.44 5.17 -11.41
CA GLY B 136 -24.54 5.92 -12.02
C GLY B 136 -24.25 7.40 -12.12
N VAL B 137 -23.70 7.97 -11.05
CA VAL B 137 -23.33 9.39 -11.02
C VAL B 137 -22.20 9.69 -12.00
N ALA B 138 -21.18 8.82 -12.02
CA ALA B 138 -20.06 8.96 -12.96
C ALA B 138 -20.53 8.95 -14.40
N ASN B 139 -21.37 7.97 -14.75
CA ASN B 139 -21.94 7.86 -16.09
C ASN B 139 -22.80 9.07 -16.45
N ALA B 140 -23.57 9.55 -15.48
CA ALA B 140 -24.39 10.75 -15.66
C ALA B 140 -23.55 11.98 -15.99
N LEU B 141 -22.46 12.16 -15.26
CA LEU B 141 -21.53 13.27 -15.52
C LEU B 141 -20.80 13.11 -16.86
N ALA B 142 -20.55 11.88 -17.26
CA ALA B 142 -19.92 11.59 -18.56
C ALA B 142 -20.88 11.75 -19.73
N HIS B 143 -22.18 11.74 -19.46
CA HIS B 143 -23.20 11.88 -20.51
C HIS B 143 -23.25 13.30 -21.05
N GLN C 21 33.54 15.75 4.58
CA GLN C 21 34.12 14.37 4.51
C GLN C 21 33.66 13.48 5.66
N GLN C 22 33.19 14.08 6.75
CA GLN C 22 32.67 13.34 7.90
C GLN C 22 31.14 13.23 7.84
N TYR C 23 30.64 12.01 7.85
CA TYR C 23 29.20 11.73 7.76
C TYR C 23 28.72 11.00 9.01
N PRO C 24 27.40 11.00 9.27
CA PRO C 24 26.89 10.32 10.46
C PRO C 24 27.06 8.80 10.39
N PRO C 25 27.21 8.14 11.55
CA PRO C 25 27.34 6.69 11.53
C PRO C 25 26.07 6.00 11.01
N ALA C 26 26.27 4.90 10.28
CA ALA C 26 25.15 4.07 9.82
C ALA C 26 24.23 3.69 10.98
N ASP C 27 24.81 3.53 12.18
CA ASP C 27 24.06 3.32 13.42
C ASP C 27 22.96 4.35 13.64
N GLU C 28 23.34 5.63 13.54
CA GLU C 28 22.47 6.74 13.96
C GLU C 28 21.53 7.21 12.86
N SER C 29 22.05 7.36 11.65
CA SER C 29 21.25 7.84 10.53
C SER C 29 21.75 7.27 9.20
N LEU C 30 21.22 6.11 8.82
CA LEU C 30 21.62 5.43 7.59
C LEU C 30 21.34 6.29 6.36
N GLN C 31 20.19 6.96 6.34
CA GLN C 31 19.81 7.83 5.23
C GLN C 31 20.75 9.03 5.00
N ASP C 32 21.49 9.42 6.04
CA ASP C 32 22.50 10.47 5.93
C ASP C 32 23.89 9.89 5.61
N ALA C 33 24.19 8.71 6.14
CA ALA C 33 25.48 8.05 5.87
C ALA C 33 25.64 7.66 4.39
N ILE C 34 24.53 7.37 3.71
CA ILE C 34 24.56 6.93 2.31
C ILE C 34 24.89 8.05 1.31
N LYS C 35 24.88 9.29 1.77
CA LYS C 35 25.23 10.43 0.92
C LYS C 35 26.74 10.55 0.71
N ASN C 36 27.52 9.85 1.54
CA ASN C 36 28.98 9.88 1.46
C ASN C 36 29.49 9.36 0.11
N PRO C 37 30.11 10.24 -0.71
CA PRO C 37 30.63 9.83 -2.02
C PRO C 37 31.68 8.72 -1.97
N ALA C 38 32.35 8.56 -0.83
CA ALA C 38 33.35 7.51 -0.64
C ALA C 38 32.79 6.09 -0.70
N ILE C 39 31.48 5.94 -0.51
CA ILE C 39 30.84 4.62 -0.54
C ILE C 39 29.68 4.48 -1.54
N ILE C 40 29.40 5.53 -2.30
CA ILE C 40 28.35 5.48 -3.31
C ILE C 40 28.79 4.62 -4.50
N ASP C 41 28.08 3.52 -4.74
CA ASP C 41 28.38 2.58 -5.82
C ASP C 41 29.82 2.05 -5.74
N LYS C 42 30.26 1.72 -4.54
CA LYS C 42 31.60 1.19 -4.32
C LYS C 42 31.57 -0.35 -4.33
N GLU C 43 32.58 -0.94 -4.94
CA GLU C 43 32.77 -2.40 -4.88
C GLU C 43 32.93 -2.87 -3.43
N HIS C 44 32.45 -4.07 -3.11
CA HIS C 44 32.49 -4.57 -1.74
C HIS C 44 32.45 -6.10 -1.64
N THR C 45 33.04 -6.79 -2.61
CA THR C 45 33.09 -8.25 -2.58
C THR C 45 34.31 -8.70 -1.77
N ALA C 46 34.15 -9.77 -1.01
CA ALA C 46 35.19 -10.27 -0.12
C ALA C 46 35.94 -11.44 -0.74
N ASP C 47 37.11 -11.75 -0.19
CA ASP C 47 37.93 -12.87 -0.65
C ASP C 47 37.28 -14.19 -0.28
N ASN C 48 36.98 -14.35 1.00
CA ASN C 48 36.37 -15.58 1.53
C ASN C 48 35.01 -15.24 2.14
N TRP C 49 33.96 -15.89 1.65
CA TRP C 49 32.61 -15.60 2.10
C TRP C 49 31.63 -16.75 1.86
N ARG C 50 30.49 -16.68 2.53
CA ARG C 50 29.47 -17.72 2.49
C ARG C 50 28.09 -17.07 2.62
N PRO C 51 27.11 -17.53 1.82
CA PRO C 51 25.75 -17.02 1.97
C PRO C 51 25.08 -17.64 3.18
N ILE C 52 24.27 -16.86 3.90
CA ILE C 52 23.59 -17.34 5.10
C ILE C 52 22.15 -16.82 5.14
N ASP C 53 21.20 -17.73 5.35
CA ASP C 53 19.79 -17.38 5.48
C ASP C 53 19.50 -16.89 6.89
N PHE C 54 18.36 -16.23 7.05
CA PHE C 54 17.97 -15.68 8.34
C PHE C 54 16.48 -15.37 8.37
N GLN C 55 15.96 -15.15 9.57
CA GLN C 55 14.59 -14.69 9.76
C GLN C 55 14.58 -13.45 10.64
N MET C 56 13.66 -12.54 10.36
CA MET C 56 13.42 -11.38 11.20
C MET C 56 12.17 -11.63 12.03
N LYS C 57 12.31 -11.58 13.36
CA LYS C 57 11.19 -11.82 14.26
C LYS C 57 10.93 -10.58 15.13
N ASN C 58 9.67 -10.38 15.49
CA ASN C 58 9.29 -9.28 16.39
C ASN C 58 9.14 -9.75 17.84
N ASP C 59 8.75 -8.83 18.71
CA ASP C 59 8.62 -9.10 20.15
C ASP C 59 7.55 -10.15 20.50
N LYS C 60 6.58 -10.35 19.61
CA LYS C 60 5.49 -11.31 19.83
C LYS C 60 5.76 -12.67 19.18
N GLY C 61 6.97 -12.88 18.68
CA GLY C 61 7.33 -14.15 18.03
C GLY C 61 6.90 -14.26 16.57
N GLU C 62 6.17 -13.26 16.06
CA GLU C 62 5.79 -13.22 14.65
C GLU C 62 6.99 -12.81 13.80
N ARG C 63 6.84 -12.96 12.49
CA ARG C 63 7.79 -12.37 11.56
C ARG C 63 7.69 -10.85 11.66
N GLN C 64 8.84 -10.19 11.76
CA GLN C 64 8.89 -8.72 11.72
C GLN C 64 8.86 -8.31 10.26
N PHE C 65 7.67 -7.96 9.77
CA PHE C 65 7.47 -7.84 8.34
C PHE C 65 8.29 -6.74 7.67
N TYR C 66 8.34 -5.55 8.29
CA TYR C 66 9.08 -4.44 7.68
C TYR C 66 10.52 -4.83 7.40
N HIS C 67 11.15 -5.53 8.34
CA HIS C 67 12.55 -5.89 8.23
C HIS C 67 12.78 -7.05 7.26
N TYR C 68 11.89 -8.03 7.27
CA TYR C 68 11.89 -9.07 6.25
C TYR C 68 11.76 -8.45 4.85
N ALA C 69 10.80 -7.52 4.72
CA ALA C 69 10.56 -6.82 3.46
C ALA C 69 11.72 -5.92 3.05
N SER C 70 12.44 -5.39 4.05
CA SER C 70 13.48 -4.39 3.82
C SER C 70 14.92 -4.93 3.85
N THR C 71 15.09 -6.25 3.80
CA THR C 71 16.43 -6.83 3.80
C THR C 71 16.62 -7.81 2.65
N VAL C 72 17.85 -7.87 2.14
CA VAL C 72 18.21 -8.80 1.07
C VAL C 72 18.52 -10.16 1.70
N GLU C 73 17.83 -11.19 1.22
CA GLU C 73 18.13 -12.56 1.63
C GLU C 73 18.66 -13.34 0.43
N PRO C 74 19.76 -14.11 0.61
CA PRO C 74 20.51 -14.32 1.83
C PRO C 74 21.47 -13.18 2.17
N ALA C 75 21.90 -13.13 3.43
CA ALA C 75 22.98 -12.26 3.85
C ALA C 75 24.31 -12.97 3.58
N THR C 76 25.42 -12.30 3.87
CA THR C 76 26.75 -12.84 3.62
C THR C 76 27.57 -12.88 4.91
N VAL C 77 28.12 -14.06 5.22
CA VAL C 77 29.12 -14.18 6.27
C VAL C 77 30.48 -14.03 5.62
N ILE C 78 31.23 -13.00 6.02
CA ILE C 78 32.56 -12.76 5.52
C ILE C 78 33.59 -13.22 6.55
N PHE C 79 34.56 -14.01 6.11
CA PHE C 79 35.60 -14.53 7.00
C PHE C 79 36.80 -13.59 7.01
N THR C 80 37.18 -13.13 8.19
CA THR C 80 38.37 -12.31 8.38
C THR C 80 39.16 -12.83 9.57
N LYS C 81 40.41 -12.37 9.71
CA LYS C 81 41.27 -12.80 10.81
C LYS C 81 40.81 -12.28 12.17
N THR C 82 40.04 -11.20 12.17
CA THR C 82 39.49 -10.64 13.41
C THR C 82 38.14 -11.25 13.81
N GLY C 83 37.66 -12.21 13.01
CA GLY C 83 36.42 -12.93 13.31
C GLY C 83 35.44 -12.81 12.17
N PRO C 84 34.32 -13.55 12.25
CA PRO C 84 33.31 -13.51 11.19
C PRO C 84 32.54 -12.18 11.16
N ILE C 85 32.28 -11.68 9.96
CA ILE C 85 31.54 -10.44 9.74
C ILE C 85 30.30 -10.74 8.92
N ILE C 86 29.15 -10.22 9.36
CA ILE C 86 27.91 -10.38 8.60
C ILE C 86 27.68 -9.14 7.74
N GLU C 87 27.38 -9.35 6.46
CA GLU C 87 27.00 -8.27 5.55
C GLU C 87 25.52 -8.39 5.22
N LEU C 88 24.77 -7.31 5.48
CA LEU C 88 23.33 -7.28 5.26
C LEU C 88 22.97 -6.15 4.31
N GLY C 89 22.19 -6.47 3.28
CA GLY C 89 21.68 -5.47 2.35
C GLY C 89 20.35 -4.93 2.85
N LEU C 90 20.28 -3.62 3.06
CA LEU C 90 19.06 -2.95 3.53
C LEU C 90 18.41 -2.16 2.40
N LYS C 91 17.11 -2.39 2.18
CA LYS C 91 16.35 -1.74 1.12
C LYS C 91 15.75 -0.43 1.65
N THR C 92 15.32 0.42 0.71
CA THR C 92 14.88 1.79 1.03
C THR C 92 15.81 2.45 2.06
N ALA C 93 17.09 2.53 1.70
CA ALA C 93 18.12 3.08 2.59
C ALA C 93 17.87 4.53 2.97
N SER C 94 17.31 5.31 2.04
CA SER C 94 17.01 6.73 2.27
C SER C 94 15.83 6.97 3.24
N THR C 95 15.20 5.89 3.71
CA THR C 95 14.11 5.97 4.67
C THR C 95 14.51 5.49 6.08
N TRP C 96 15.52 4.63 6.16
CA TRP C 96 16.06 4.19 7.46
C TRP C 96 16.73 5.35 8.19
N LYS C 97 16.53 5.39 9.51
CA LYS C 97 17.20 6.35 10.37
C LYS C 97 18.18 5.58 11.26
N LYS C 98 17.74 5.20 12.46
CA LYS C 98 18.57 4.40 13.37
C LYS C 98 18.58 2.94 12.90
N PHE C 99 19.72 2.28 13.04
CA PHE C 99 19.83 0.84 12.81
C PHE C 99 20.95 0.25 13.67
N GLU C 100 20.67 0.13 14.96
CA GLU C 100 21.64 -0.38 15.92
C GLU C 100 21.55 -1.90 16.05
N VAL C 101 22.70 -2.58 16.03
CA VAL C 101 22.76 -4.03 16.16
C VAL C 101 23.47 -4.41 17.46
N TYR C 102 22.85 -5.33 18.22
CA TYR C 102 23.40 -5.79 19.48
C TYR C 102 23.59 -7.30 19.47
N GLU C 103 24.77 -7.74 19.90
CA GLU C 103 25.03 -9.16 20.13
C GLU C 103 24.78 -9.44 21.60
N GLY C 104 23.62 -10.00 21.91
CA GLY C 104 23.19 -10.18 23.29
C GLY C 104 22.90 -8.83 23.92
N ASP C 105 23.82 -8.38 24.77
CA ASP C 105 23.67 -7.08 25.45
C ASP C 105 24.57 -5.98 24.87
N LYS C 106 25.73 -6.36 24.31
CA LYS C 106 26.73 -5.39 23.86
C LYS C 106 26.48 -4.87 22.45
N LYS C 107 26.66 -3.56 22.27
CA LYS C 107 26.42 -2.88 21.00
C LYS C 107 27.57 -3.13 20.02
N LEU C 108 27.22 -3.49 18.78
CA LEU C 108 28.20 -3.78 17.74
C LEU C 108 28.43 -2.55 16.86
N PRO C 109 29.65 -2.42 16.30
CA PRO C 109 29.93 -1.36 15.35
C PRO C 109 29.32 -1.67 13.98
N VAL C 110 28.54 -0.73 13.45
CA VAL C 110 27.91 -0.90 12.14
C VAL C 110 28.60 0.00 11.13
N GLU C 111 29.09 -0.60 10.05
CA GLU C 111 29.81 0.13 9.02
C GLU C 111 29.05 0.05 7.70
N LEU C 112 28.86 1.20 7.06
CA LEU C 112 28.32 1.26 5.71
C LEU C 112 29.47 1.12 4.72
N VAL C 113 29.50 0.00 3.99
CA VAL C 113 30.58 -0.25 3.02
C VAL C 113 30.19 0.13 1.59
N SER C 114 28.90 0.13 1.28
CA SER C 114 28.45 0.47 -0.07
C SER C 114 26.97 0.87 -0.12
N TYR C 115 26.67 1.83 -1.00
CA TYR C 115 25.30 2.24 -1.27
C TYR C 115 25.02 2.12 -2.77
N ASP C 116 24.02 1.32 -3.13
CA ASP C 116 23.59 1.19 -4.51
C ASP C 116 22.60 2.31 -4.83
N SER C 117 23.07 3.29 -5.59
CA SER C 117 22.26 4.48 -5.93
C SER C 117 21.05 4.15 -6.81
N ASP C 118 21.20 3.18 -7.70
CA ASP C 118 20.15 2.85 -8.67
C ASP C 118 18.90 2.23 -8.03
N LYS C 119 19.08 1.46 -6.96
CA LYS C 119 17.93 0.82 -6.28
C LYS C 119 17.77 1.17 -4.79
N ASP C 120 18.59 2.10 -4.29
CA ASP C 120 18.47 2.60 -2.91
C ASP C 120 18.72 1.49 -1.89
N TYR C 121 19.74 0.68 -2.14
CA TYR C 121 20.14 -0.42 -1.26
C TYR C 121 21.43 -0.05 -0.55
N ALA C 122 21.46 -0.20 0.77
CA ALA C 122 22.66 0.04 1.55
C ALA C 122 23.18 -1.29 2.09
N TYR C 123 24.49 -1.50 1.96
CA TYR C 123 25.11 -2.73 2.47
C TYR C 123 25.95 -2.42 3.69
N ILE C 124 25.50 -2.90 4.85
CA ILE C 124 26.20 -2.67 6.12
C ILE C 124 26.87 -3.94 6.63
N ARG C 125 27.91 -3.75 7.44
CA ARG C 125 28.64 -4.87 8.04
C ARG C 125 28.80 -4.71 9.55
N PHE C 126 28.75 -5.83 10.27
CA PHE C 126 28.99 -5.83 11.71
C PHE C 126 29.62 -7.17 12.13
N PRO C 127 30.59 -7.11 13.05
CA PRO C 127 31.25 -8.33 13.53
C PRO C 127 30.45 -9.07 14.59
N VAL C 128 30.44 -10.40 14.51
CA VAL C 128 29.79 -11.24 15.52
C VAL C 128 30.79 -12.27 16.05
N SER C 129 30.45 -12.86 17.19
CA SER C 129 31.26 -13.91 17.80
C SER C 129 31.05 -15.22 17.06
N ASN C 130 31.99 -16.14 17.22
CA ASN C 130 31.85 -17.48 16.64
C ASN C 130 30.75 -18.22 17.38
N GLY C 131 29.89 -18.91 16.63
CA GLY C 131 28.74 -19.60 17.20
C GLY C 131 27.58 -18.70 17.58
N THR C 132 27.53 -17.49 17.01
CA THR C 132 26.41 -16.58 17.23
C THR C 132 25.20 -17.04 16.43
N ARG C 133 24.07 -17.16 17.09
CA ARG C 133 22.84 -17.70 16.48
C ARG C 133 21.79 -16.62 16.18
N GLU C 134 21.81 -15.54 16.96
CA GLU C 134 20.85 -14.46 16.82
C GLU C 134 21.53 -13.12 17.10
N VAL C 135 20.99 -12.05 16.52
CA VAL C 135 21.44 -10.70 16.81
C VAL C 135 20.22 -9.76 16.93
N LYS C 136 20.28 -8.84 17.88
CA LYS C 136 19.16 -7.92 18.17
C LYS C 136 19.33 -6.63 17.37
N ILE C 137 18.22 -6.13 16.82
CA ILE C 137 18.23 -4.89 16.05
C ILE C 137 17.27 -3.87 16.65
N VAL C 138 17.77 -2.67 16.92
CA VAL C 138 16.96 -1.53 17.36
C VAL C 138 17.06 -0.47 16.29
N SER C 139 15.93 -0.09 15.72
CA SER C 139 15.93 0.73 14.51
C SER C 139 14.70 1.61 14.38
N SER C 140 14.76 2.55 13.44
CA SER C 140 13.66 3.43 13.14
C SER C 140 13.69 3.87 11.69
N ILE C 141 12.55 4.38 11.23
CA ILE C 141 12.43 4.95 9.88
C ILE C 141 11.92 6.38 10.02
N GLU C 142 12.36 7.24 9.11
CA GLU C 142 12.02 8.67 9.17
C GLU C 142 12.03 9.23 7.76
N TYR C 143 10.89 9.77 7.32
CA TYR C 143 10.72 10.17 5.92
C TYR C 143 9.47 11.04 5.72
N GLY C 144 9.33 11.57 4.51
CA GLY C 144 8.13 12.30 4.10
C GLY C 144 7.83 13.52 4.97
N GLU C 145 6.54 13.82 5.11
CA GLU C 145 6.08 14.90 5.98
C GLU C 145 6.09 14.43 7.43
N ASN C 146 7.25 14.57 8.08
CA ASN C 146 7.46 14.17 9.48
C ASN C 146 6.86 12.82 9.91
N ILE C 147 6.95 11.81 9.05
CA ILE C 147 6.55 10.45 9.41
C ILE C 147 7.72 9.76 10.09
N HIS C 148 7.49 9.28 11.32
CA HIS C 148 8.54 8.65 12.11
C HIS C 148 7.98 7.42 12.83
N GLU C 149 8.68 6.29 12.72
CA GLU C 149 8.26 5.06 13.38
C GLU C 149 9.45 4.32 13.99
N ASP C 150 9.30 3.91 15.25
CA ASP C 150 10.34 3.18 15.96
C ASP C 150 10.04 1.69 15.96
N TYR C 151 11.06 0.90 15.65
CA TYR C 151 11.01 -0.54 15.84
C TYR C 151 12.01 -0.88 16.93
N ASP C 152 11.52 -0.91 18.17
CA ASP C 152 12.36 -1.08 19.36
C ASP C 152 13.05 -2.44 19.44
N TYR C 153 12.46 -3.45 18.81
CA TYR C 153 13.03 -4.81 18.86
C TYR C 153 12.75 -5.60 17.59
N THR C 154 13.82 -6.09 16.99
CA THR C 154 13.75 -7.08 15.93
C THR C 154 14.87 -8.08 16.16
N LEU C 155 14.56 -9.37 16.04
CA LEU C 155 15.54 -10.43 16.24
C LEU C 155 15.91 -11.04 14.90
N MET C 156 17.17 -10.89 14.51
CA MET C 156 17.70 -11.53 13.32
C MET C 156 18.25 -12.90 13.68
N VAL C 157 17.47 -13.95 13.39
CA VAL C 157 17.84 -15.33 13.71
C VAL C 157 18.45 -15.99 12.48
N PHE C 158 19.71 -16.44 12.62
CA PHE C 158 20.42 -17.04 11.49
C PHE C 158 20.03 -18.51 11.31
N ALA C 159 20.07 -18.97 10.06
CA ALA C 159 19.70 -20.35 9.72
C ALA C 159 20.62 -21.38 10.39
N GLN C 160 21.89 -21.01 10.55
CA GLN C 160 22.86 -21.82 11.29
C GLN C 160 23.68 -20.90 12.18
N PRO C 161 24.38 -21.45 13.17
CA PRO C 161 25.34 -20.65 13.93
C PRO C 161 26.50 -20.16 13.05
N ILE C 162 26.91 -18.92 13.23
CA ILE C 162 27.98 -18.33 12.41
C ILE C 162 29.34 -18.90 12.82
N THR C 163 30.16 -19.23 11.83
CA THR C 163 31.46 -19.86 12.04
C THR C 163 32.56 -19.13 11.26
N ASN C 164 33.81 -19.32 11.66
CA ASN C 164 35.00 -18.77 10.98
C ASN C 164 35.02 -17.23 10.96
#